data_4ZP5
#
_entry.id   4ZP5
#
_cell.length_a   80.633
_cell.length_b   91.386
_cell.length_c   97.528
_cell.angle_alpha   90.00
_cell.angle_beta   90.00
_cell.angle_gamma   90.00
#
_symmetry.space_group_name_H-M   'P 21 21 21'
#
loop_
_entity.id
_entity.type
_entity.pdbx_description
1 polymer 'Mitogen-activated protein kinase kinase kinase kinase 4'
2 non-polymer 4-[5-(4-chlorophenyl)-1,3-oxazol-2-yl]benzamide
3 water water
#
_entity_poly.entity_id   1
_entity_poly.type   'polypeptide(L)'
_entity_poly.pdbx_seq_one_letter_code
;MANDSPAKSLVDIDLSSLRDPAGIFELVEVVGNGTYGQVYKGRHVKTGQLAAIKVMDVTEDEEEEIKLEINMLKKYSHHR
NIATYYGAFIKKSPPGHDDQLWLVMEFCGAGSITDLVKNTKGNTLKEDWIAYISREILRGLAHLHIHHVIHRDIKGQNVL
LTENAEVKLVDFGVSAQLDRTVGRRNTFIGTPYWMAPEVIACDENPDATYDYRSDLWSCGITAIEMAEGAPPLCDMHPMR
ALFLIPRNPPPRLKSKKWSKKFFSFIEGCLVKNYMQRPSTEQLLKHPFIRDQPNERQVRIQLKDHIDRT
;
_entity_poly.pdbx_strand_id   A,B
#
loop_
_chem_comp.id
_chem_comp.type
_chem_comp.name
_chem_comp.formula
4QG non-polymer 4-[5-(4-chlorophenyl)-1,3-oxazol-2-yl]benzamide 'C16 H11 Cl N2 O2'
#
# COMPACT_ATOMS: atom_id res chain seq x y z
N ASP A 14 -27.71 -9.82 6.07
CA ASP A 14 -28.10 -9.50 7.45
C ASP A 14 -26.87 -9.26 8.35
N LEU A 15 -26.46 -7.99 8.45
CA LEU A 15 -25.31 -7.56 9.25
C LEU A 15 -25.72 -7.19 10.67
N SER A 16 -27.02 -6.89 10.86
CA SER A 16 -27.62 -6.53 12.14
C SER A 16 -27.57 -7.68 13.16
N SER A 17 -27.57 -8.94 12.67
CA SER A 17 -27.50 -10.16 13.48
C SER A 17 -26.09 -10.44 14.03
N LEU A 18 -25.03 -9.84 13.41
CA LEU A 18 -23.63 -10.01 13.83
C LEU A 18 -23.37 -9.43 15.21
N ARG A 19 -22.88 -10.27 16.11
CA ARG A 19 -22.62 -9.91 17.51
C ARG A 19 -21.42 -9.01 17.68
N ASP A 20 -21.39 -8.30 18.82
CA ASP A 20 -20.26 -7.48 19.26
C ASP A 20 -19.20 -8.50 19.75
N PRO A 21 -17.91 -8.33 19.41
CA PRO A 21 -16.91 -9.32 19.82
C PRO A 21 -16.39 -9.26 21.26
N ALA A 22 -16.73 -8.20 22.02
CA ALA A 22 -16.35 -7.93 23.42
C ALA A 22 -15.65 -9.06 24.22
N GLY A 23 -16.40 -10.06 24.68
CA GLY A 23 -15.83 -11.17 25.45
C GLY A 23 -15.85 -12.51 24.75
N ILE A 24 -15.61 -12.49 23.43
CA ILE A 24 -15.64 -13.65 22.54
C ILE A 24 -14.27 -13.76 21.85
N PHE A 25 -13.77 -12.63 21.32
CA PHE A 25 -12.46 -12.50 20.68
C PHE A 25 -11.67 -11.27 21.15
N GLU A 26 -10.40 -11.49 21.47
CA GLU A 26 -9.48 -10.44 21.92
C GLU A 26 -8.47 -10.17 20.81
N LEU A 27 -8.07 -8.91 20.66
CA LEU A 27 -7.03 -8.53 19.70
C LEU A 27 -5.70 -8.59 20.45
N VAL A 28 -4.73 -9.34 19.92
CA VAL A 28 -3.42 -9.46 20.58
C VAL A 28 -2.45 -8.43 19.99
N GLU A 29 -2.14 -8.57 18.69
CA GLU A 29 -1.21 -7.71 17.94
C GLU A 29 -1.44 -7.87 16.45
N VAL A 30 -0.91 -6.96 15.62
CA VAL A 30 -1.00 -7.04 14.15
C VAL A 30 -0.17 -8.27 13.72
N VAL A 31 -0.74 -9.11 12.84
CA VAL A 31 -0.04 -10.31 12.37
C VAL A 31 0.89 -9.99 11.19
N GLY A 32 2.08 -10.58 11.24
CA GLY A 32 3.13 -10.38 10.26
C GLY A 32 3.88 -9.12 10.62
N ASN A 33 3.53 -8.01 9.94
CA ASN A 33 4.11 -6.66 10.10
C ASN A 33 3.30 -5.58 9.33
N GLY A 34 2.37 -6.02 8.49
CA GLY A 34 1.55 -5.11 7.69
C GLY A 34 1.40 -5.49 6.23
N THR A 35 1.83 -6.74 5.89
CA THR A 35 1.73 -7.31 4.54
C THR A 35 0.26 -7.47 4.18
N TYR A 36 -0.53 -7.88 5.19
CA TYR A 36 -1.97 -8.12 5.05
C TYR A 36 -2.79 -6.88 5.43
N GLY A 37 -2.12 -5.91 6.04
CA GLY A 37 -2.72 -4.66 6.50
C GLY A 37 -3.26 -4.83 7.91
N GLN A 38 -4.55 -4.46 8.11
CA GLN A 38 -5.21 -4.57 9.40
C GLN A 38 -5.72 -6.01 9.69
N VAL A 39 -4.77 -6.95 9.79
CA VAL A 39 -5.02 -8.35 10.10
C VAL A 39 -4.28 -8.61 11.40
N TYR A 40 -5.02 -9.09 12.39
CA TYR A 40 -4.53 -9.27 13.74
C TYR A 40 -4.45 -10.70 14.23
N LYS A 41 -3.53 -10.90 15.18
CA LYS A 41 -3.43 -12.14 15.93
C LYS A 41 -4.55 -11.96 16.97
N GLY A 42 -5.48 -12.90 16.97
CA GLY A 42 -6.62 -12.90 17.85
C GLY A 42 -6.71 -14.14 18.71
N ARG A 43 -7.42 -14.02 19.84
CA ARG A 43 -7.61 -15.11 20.78
C ARG A 43 -9.08 -15.30 21.11
N HIS A 44 -9.56 -16.56 21.08
CA HIS A 44 -10.92 -16.89 21.50
C HIS A 44 -10.89 -16.85 23.04
N VAL A 45 -11.55 -15.85 23.65
CA VAL A 45 -11.59 -15.63 25.11
C VAL A 45 -11.85 -16.91 25.93
N LYS A 46 -12.90 -17.65 25.59
CA LYS A 46 -13.28 -18.85 26.32
C LYS A 46 -12.34 -20.06 26.22
N THR A 47 -11.60 -20.22 25.11
CA THR A 47 -10.71 -21.38 24.94
C THR A 47 -9.22 -21.06 24.88
N GLY A 48 -8.87 -19.84 24.48
CA GLY A 48 -7.49 -19.41 24.30
C GLY A 48 -6.97 -19.75 22.91
N GLN A 49 -7.86 -20.30 22.06
CA GLN A 49 -7.55 -20.69 20.69
C GLN A 49 -7.27 -19.46 19.86
N LEU A 50 -6.31 -19.57 18.94
CA LEU A 50 -5.91 -18.44 18.13
C LEU A 50 -6.67 -18.35 16.84
N ALA A 51 -6.79 -17.11 16.34
CA ALA A 51 -7.44 -16.81 15.09
C ALA A 51 -6.75 -15.62 14.43
N ALA A 52 -6.96 -15.47 13.12
CA ALA A 52 -6.47 -14.33 12.36
C ALA A 52 -7.70 -13.44 12.18
N ILE A 53 -7.63 -12.21 12.70
CA ILE A 53 -8.76 -11.27 12.63
C ILE A 53 -8.52 -10.13 11.64
N LYS A 54 -9.28 -10.14 10.54
CA LYS A 54 -9.23 -9.10 9.53
C LYS A 54 -10.20 -8.00 9.97
N VAL A 55 -9.66 -6.80 10.21
CA VAL A 55 -10.40 -5.63 10.69
C VAL A 55 -10.58 -4.60 9.58
N MET A 56 -11.80 -4.03 9.50
CA MET A 56 -12.14 -3.01 8.50
C MET A 56 -13.27 -2.08 8.96
N ASP A 57 -13.10 -0.78 8.71
CA ASP A 57 -14.12 0.24 9.02
C ASP A 57 -15.19 0.10 7.94
N VAL A 58 -16.48 0.00 8.35
CA VAL A 58 -17.58 -0.18 7.41
C VAL A 58 -18.62 0.95 7.50
N THR A 59 -18.87 1.60 6.34
CA THR A 59 -19.84 2.69 6.20
C THR A 59 -21.21 2.09 5.75
N GLU A 60 -22.27 2.92 5.73
CA GLU A 60 -23.63 2.49 5.33
C GLU A 60 -23.71 2.02 3.87
N ASP A 61 -22.92 2.65 2.98
CA ASP A 61 -22.86 2.31 1.55
C ASP A 61 -22.03 1.05 1.25
N GLU A 62 -21.00 0.77 2.10
CA GLU A 62 -20.10 -0.39 1.98
C GLU A 62 -20.75 -1.70 2.41
N GLU A 63 -21.89 -1.63 3.12
CA GLU A 63 -22.67 -2.75 3.67
C GLU A 63 -23.02 -3.87 2.67
N GLU A 64 -23.41 -3.50 1.43
CA GLU A 64 -23.79 -4.45 0.39
C GLU A 64 -22.59 -5.23 -0.18
N GLU A 65 -21.45 -4.52 -0.42
CA GLU A 65 -20.21 -5.12 -0.93
C GLU A 65 -19.60 -6.09 0.08
N ILE A 66 -19.74 -5.77 1.38
CA ILE A 66 -19.23 -6.53 2.52
C ILE A 66 -19.93 -7.90 2.70
N LYS A 67 -21.26 -7.97 2.43
CA LYS A 67 -22.09 -9.17 2.53
C LYS A 67 -21.60 -10.30 1.62
N LEU A 68 -21.15 -9.94 0.39
CA LEU A 68 -20.64 -10.87 -0.62
C LEU A 68 -19.31 -11.50 -0.19
N GLU A 69 -18.50 -10.75 0.57
CA GLU A 69 -17.21 -11.20 1.09
C GLU A 69 -17.40 -12.35 2.09
N ILE A 70 -18.35 -12.18 3.05
CA ILE A 70 -18.71 -13.17 4.07
C ILE A 70 -19.17 -14.46 3.41
N ASN A 71 -20.10 -14.36 2.44
CA ASN A 71 -20.68 -15.47 1.68
C ASN A 71 -19.61 -16.28 0.94
N MET A 72 -18.63 -15.60 0.32
CA MET A 72 -17.51 -16.22 -0.40
C MET A 72 -16.65 -17.07 0.54
N LEU A 73 -16.32 -16.52 1.72
CA LEU A 73 -15.55 -17.20 2.76
C LEU A 73 -16.31 -18.41 3.35
N LYS A 74 -17.65 -18.30 3.51
CA LYS A 74 -18.49 -19.37 4.04
C LYS A 74 -18.52 -20.60 3.10
N LYS A 75 -18.49 -20.37 1.78
CA LYS A 75 -18.57 -21.40 0.75
C LYS A 75 -17.22 -22.00 0.35
N TYR A 76 -16.20 -21.15 0.18
CA TYR A 76 -14.90 -21.57 -0.35
C TYR A 76 -13.76 -21.84 0.62
N SER A 77 -13.85 -21.35 1.88
CA SER A 77 -12.78 -21.56 2.86
C SER A 77 -12.77 -22.93 3.56
N HIS A 78 -13.78 -23.79 3.30
CA HIS A 78 -13.85 -25.11 3.93
C HIS A 78 -13.02 -26.23 3.28
N HIS A 79 -12.16 -25.87 2.30
CA HIS A 79 -11.21 -26.79 1.65
C HIS A 79 -9.94 -26.76 2.50
N ARG A 80 -9.22 -27.91 2.59
CA ARG A 80 -8.00 -28.06 3.41
C ARG A 80 -6.78 -27.20 2.99
N ASN A 81 -6.82 -26.62 1.78
CA ASN A 81 -5.76 -25.77 1.25
C ASN A 81 -6.12 -24.28 1.22
N ILE A 82 -7.18 -23.91 1.99
CA ILE A 82 -7.69 -22.56 2.20
C ILE A 82 -7.88 -22.37 3.71
N ALA A 83 -7.37 -21.25 4.29
CA ALA A 83 -7.54 -20.96 5.73
C ALA A 83 -9.03 -20.79 6.03
N THR A 84 -9.55 -21.59 6.97
CA THR A 84 -10.98 -21.63 7.34
C THR A 84 -11.52 -20.33 7.90
N TYR A 85 -12.74 -19.97 7.47
CA TYR A 85 -13.50 -18.84 7.98
C TYR A 85 -14.30 -19.34 9.20
N TYR A 86 -14.28 -18.56 10.29
CA TYR A 86 -14.98 -18.89 11.51
C TYR A 86 -16.30 -18.15 11.64
N GLY A 87 -16.25 -16.81 11.61
CA GLY A 87 -17.40 -15.93 11.72
C GLY A 87 -17.08 -14.46 11.58
N ALA A 88 -18.12 -13.63 11.69
CA ALA A 88 -18.02 -12.17 11.56
C ALA A 88 -18.59 -11.47 12.79
N PHE A 89 -18.01 -10.31 13.11
CA PHE A 89 -18.44 -9.49 14.24
C PHE A 89 -18.48 -8.02 13.83
N ILE A 90 -19.36 -7.26 14.47
CA ILE A 90 -19.45 -5.82 14.26
C ILE A 90 -19.28 -5.13 15.60
N LYS A 91 -18.22 -4.30 15.71
CA LYS A 91 -17.94 -3.50 16.89
C LYS A 91 -18.53 -2.11 16.58
N LYS A 92 -19.80 -1.91 17.00
CA LYS A 92 -20.56 -0.67 16.76
C LYS A 92 -20.02 0.51 17.56
N SER A 93 -19.64 1.57 16.84
CA SER A 93 -19.11 2.81 17.40
C SER A 93 -20.28 3.81 17.62
N PRO A 94 -20.12 4.88 18.46
CA PRO A 94 -21.24 5.84 18.68
C PRO A 94 -21.85 6.47 17.42
N PRO A 95 -23.08 7.07 17.48
CA PRO A 95 -23.71 7.65 16.26
C PRO A 95 -22.86 8.56 15.36
N GLY A 96 -21.75 9.07 15.91
CA GLY A 96 -20.80 9.92 15.19
C GLY A 96 -19.78 9.14 14.39
N HIS A 97 -20.12 7.86 14.01
CA HIS A 97 -19.36 6.91 13.18
C HIS A 97 -17.89 6.57 13.62
N ASP A 98 -17.22 5.49 13.10
CA ASP A 98 -17.59 4.52 12.07
C ASP A 98 -17.35 3.08 12.58
N ASP A 99 -18.32 2.17 12.37
CA ASP A 99 -18.32 0.77 12.85
C ASP A 99 -17.20 -0.09 12.25
N GLN A 100 -16.66 -1.04 13.06
CA GLN A 100 -15.60 -1.98 12.64
C GLN A 100 -16.16 -3.38 12.39
N LEU A 101 -15.73 -4.00 11.28
CA LEU A 101 -16.12 -5.37 10.93
C LEU A 101 -14.92 -6.29 11.15
N TRP A 102 -15.13 -7.36 11.93
CA TRP A 102 -14.09 -8.35 12.22
C TRP A 102 -14.44 -9.66 11.51
N LEU A 103 -13.57 -10.10 10.60
CA LEU A 103 -13.73 -11.37 9.90
C LEU A 103 -12.70 -12.30 10.51
N VAL A 104 -13.17 -13.31 11.24
CA VAL A 104 -12.33 -14.21 12.00
C VAL A 104 -12.03 -15.47 11.20
N MET A 105 -10.75 -15.72 11.00
CA MET A 105 -10.29 -16.87 10.22
C MET A 105 -9.26 -17.65 10.98
N GLU A 106 -8.89 -18.82 10.42
CA GLU A 106 -7.90 -19.74 10.93
C GLU A 106 -6.53 -19.06 11.03
N PHE A 107 -5.87 -19.23 12.18
CA PHE A 107 -4.53 -18.71 12.42
C PHE A 107 -3.51 -19.77 11.97
N CYS A 108 -2.65 -19.41 11.02
CA CYS A 108 -1.63 -20.31 10.49
C CYS A 108 -0.29 -19.95 11.13
N GLY A 109 -0.10 -20.46 12.34
CA GLY A 109 1.03 -20.22 13.25
C GLY A 109 2.45 -20.29 12.71
N ALA A 110 2.70 -21.24 11.78
CA ALA A 110 4.05 -21.39 11.18
C ALA A 110 4.38 -20.29 10.15
N GLY A 111 3.47 -19.34 9.96
CA GLY A 111 3.69 -18.21 9.08
C GLY A 111 3.69 -18.52 7.59
N SER A 112 4.14 -17.54 6.81
CA SER A 112 4.16 -17.62 5.35
C SER A 112 5.31 -18.43 4.78
N ILE A 113 5.22 -18.74 3.48
CA ILE A 113 6.23 -19.44 2.70
C ILE A 113 7.44 -18.50 2.49
N THR A 114 7.19 -17.18 2.44
CA THR A 114 8.24 -16.14 2.34
C THR A 114 9.15 -16.21 3.56
N ASP A 115 8.54 -16.36 4.77
CA ASP A 115 9.25 -16.49 6.04
C ASP A 115 10.05 -17.78 6.07
N LEU A 116 9.46 -18.87 5.51
CA LEU A 116 10.07 -20.21 5.43
C LEU A 116 11.36 -20.18 4.62
N VAL A 117 11.40 -19.46 3.48
CA VAL A 117 12.59 -19.35 2.63
C VAL A 117 13.62 -18.43 3.29
N LYS A 118 13.16 -17.32 3.89
CA LYS A 118 14.03 -16.36 4.60
C LYS A 118 14.70 -16.94 5.84
N ASN A 119 14.05 -17.92 6.50
CA ASN A 119 14.59 -18.60 7.68
C ASN A 119 15.43 -19.84 7.34
N THR A 120 15.54 -20.18 6.04
CA THR A 120 16.33 -21.32 5.55
C THR A 120 17.71 -20.85 5.09
N LYS A 121 18.76 -21.60 5.46
CA LYS A 121 20.17 -21.38 5.11
C LYS A 121 20.34 -21.27 3.59
N GLY A 122 20.93 -20.17 3.15
CA GLY A 122 21.16 -19.91 1.74
C GLY A 122 19.93 -19.42 0.97
N ASN A 123 18.82 -19.15 1.69
CA ASN A 123 17.52 -18.68 1.17
C ASN A 123 17.07 -19.41 -0.10
N THR A 124 16.92 -20.74 0.03
CA THR A 124 16.54 -21.69 -1.01
C THR A 124 15.92 -22.88 -0.30
N LEU A 125 14.90 -23.48 -0.90
CA LEU A 125 14.26 -24.66 -0.34
C LEU A 125 14.62 -25.87 -1.20
N LYS A 126 14.59 -27.07 -0.60
CA LYS A 126 14.85 -28.34 -1.30
C LYS A 126 13.78 -28.54 -2.34
N GLU A 127 14.16 -29.12 -3.49
CA GLU A 127 13.25 -29.36 -4.61
C GLU A 127 11.97 -30.13 -4.23
N ASP A 128 12.10 -31.16 -3.38
CA ASP A 128 10.96 -31.96 -2.92
C ASP A 128 10.00 -31.18 -2.02
N TRP A 129 10.50 -30.12 -1.35
CA TRP A 129 9.69 -29.21 -0.52
C TRP A 129 8.87 -28.30 -1.48
N ILE A 130 9.52 -27.83 -2.58
CA ILE A 130 8.93 -26.97 -3.60
C ILE A 130 7.76 -27.69 -4.27
N ALA A 131 7.94 -28.97 -4.61
CA ALA A 131 6.93 -29.83 -5.25
C ALA A 131 5.71 -30.01 -4.37
N TYR A 132 5.93 -30.27 -3.06
CA TYR A 132 4.87 -30.48 -2.08
C TYR A 132 4.06 -29.19 -1.88
N ILE A 133 4.74 -28.08 -1.61
CA ILE A 133 4.10 -26.77 -1.41
C ILE A 133 3.36 -26.33 -2.67
N SER A 134 4.01 -26.41 -3.85
CA SER A 134 3.40 -26.03 -5.15
C SER A 134 2.14 -26.84 -5.44
N ARG A 135 2.14 -28.16 -5.14
CA ARG A 135 0.98 -29.04 -5.33
C ARG A 135 -0.18 -28.61 -4.45
N GLU A 136 0.12 -28.24 -3.18
CA GLU A 136 -0.88 -27.77 -2.24
C GLU A 136 -1.48 -26.42 -2.67
N ILE A 137 -0.65 -25.54 -3.31
CA ILE A 137 -1.08 -24.26 -3.86
C ILE A 137 -2.04 -24.57 -5.00
N LEU A 138 -1.63 -25.48 -5.92
CA LEU A 138 -2.41 -25.92 -7.07
C LEU A 138 -3.74 -26.57 -6.68
N ARG A 139 -3.75 -27.35 -5.58
CA ARG A 139 -4.96 -28.00 -5.06
C ARG A 139 -5.95 -26.98 -4.51
N GLY A 140 -5.45 -25.91 -3.90
CA GLY A 140 -6.25 -24.80 -3.38
C GLY A 140 -6.80 -23.97 -4.53
N LEU A 141 -5.98 -23.75 -5.56
CA LEU A 141 -6.36 -23.02 -6.76
C LEU A 141 -7.42 -23.78 -7.56
N ALA A 142 -7.27 -25.12 -7.67
CA ALA A 142 -8.23 -25.99 -8.36
C ALA A 142 -9.61 -25.89 -7.71
N HIS A 143 -9.69 -25.83 -6.35
CA HIS A 143 -10.95 -25.68 -5.60
C HIS A 143 -11.58 -24.35 -5.95
N LEU A 144 -10.78 -23.27 -5.97
CA LEU A 144 -11.25 -21.93 -6.30
C LEU A 144 -11.71 -21.84 -7.75
N HIS A 145 -10.89 -22.33 -8.70
CA HIS A 145 -11.18 -22.30 -10.15
C HIS A 145 -12.43 -23.08 -10.56
N ILE A 146 -12.70 -24.22 -9.91
CA ILE A 146 -13.88 -25.07 -10.14
C ILE A 146 -15.16 -24.31 -9.78
N HIS A 147 -15.05 -23.41 -8.77
CA HIS A 147 -16.14 -22.57 -8.26
C HIS A 147 -16.11 -21.16 -8.90
N HIS A 148 -15.42 -21.04 -10.06
CA HIS A 148 -15.23 -19.83 -10.87
C HIS A 148 -14.65 -18.62 -10.11
N VAL A 149 -13.76 -18.91 -9.16
CA VAL A 149 -13.09 -17.92 -8.32
C VAL A 149 -11.61 -17.83 -8.69
N ILE A 150 -11.14 -16.62 -9.01
CA ILE A 150 -9.71 -16.35 -9.28
C ILE A 150 -9.18 -15.76 -7.97
N HIS A 151 -8.05 -16.28 -7.45
CA HIS A 151 -7.43 -15.80 -6.21
C HIS A 151 -6.96 -14.36 -6.39
N ARG A 152 -6.26 -14.09 -7.53
CA ARG A 152 -5.75 -12.79 -7.96
C ARG A 152 -4.50 -12.28 -7.22
N ASP A 153 -4.08 -12.92 -6.12
CA ASP A 153 -2.89 -12.49 -5.39
C ASP A 153 -2.01 -13.63 -4.85
N ILE A 154 -1.66 -14.59 -5.74
CA ILE A 154 -0.77 -15.68 -5.34
C ILE A 154 0.66 -15.13 -5.26
N LYS A 155 1.28 -15.32 -4.08
CA LYS A 155 2.65 -14.95 -3.76
C LYS A 155 3.00 -15.67 -2.49
N GLY A 156 4.30 -15.76 -2.17
CA GLY A 156 4.80 -16.44 -0.97
C GLY A 156 4.15 -15.99 0.32
N GLN A 157 3.88 -14.67 0.47
CA GLN A 157 3.24 -14.11 1.66
C GLN A 157 1.77 -14.54 1.84
N ASN A 158 1.08 -14.89 0.74
CA ASN A 158 -0.31 -15.34 0.75
C ASN A 158 -0.49 -16.85 0.84
N VAL A 159 0.61 -17.59 1.05
CA VAL A 159 0.63 -19.04 1.21
C VAL A 159 1.20 -19.28 2.61
N LEU A 160 0.38 -19.84 3.52
CA LEU A 160 0.79 -20.04 4.90
C LEU A 160 0.84 -21.49 5.34
N LEU A 161 1.61 -21.73 6.39
CA LEU A 161 1.79 -23.03 6.99
C LEU A 161 1.15 -23.04 8.36
N THR A 162 0.43 -24.11 8.68
CA THR A 162 -0.15 -24.32 10.01
C THR A 162 0.96 -24.99 10.83
N GLU A 163 0.73 -25.22 12.13
CA GLU A 163 1.72 -25.88 12.99
C GLU A 163 1.95 -27.34 12.58
N ASN A 164 1.01 -27.93 11.79
CA ASN A 164 1.09 -29.32 11.32
C ASN A 164 1.51 -29.42 9.84
N ALA A 165 2.30 -28.44 9.36
CA ALA A 165 2.82 -28.33 7.99
C ALA A 165 1.76 -28.42 6.88
N GLU A 166 0.52 -27.98 7.20
CA GLU A 166 -0.56 -27.91 6.22
C GLU A 166 -0.39 -26.57 5.51
N VAL A 167 -0.54 -26.58 4.19
CA VAL A 167 -0.38 -25.39 3.34
C VAL A 167 -1.75 -24.80 3.04
N LYS A 168 -1.95 -23.51 3.38
CA LYS A 168 -3.23 -22.82 3.20
C LYS A 168 -3.14 -21.47 2.51
N LEU A 169 -4.05 -21.22 1.55
CA LEU A 169 -4.12 -19.98 0.81
C LEU A 169 -4.95 -18.94 1.57
N VAL A 170 -4.53 -17.67 1.50
CA VAL A 170 -5.22 -16.54 2.12
C VAL A 170 -5.37 -15.36 1.16
N ASP A 171 -6.32 -14.45 1.48
CA ASP A 171 -6.60 -13.20 0.77
C ASP A 171 -6.97 -13.34 -0.72
N PHE A 172 -8.09 -14.03 -1.01
CA PHE A 172 -8.60 -14.18 -2.39
C PHE A 172 -9.77 -13.22 -2.68
N GLY A 173 -10.04 -12.99 -3.98
CA GLY A 173 -11.09 -12.09 -4.44
C GLY A 173 -12.07 -12.76 -5.37
N ASN A 186 -9.57 -0.82 -1.85
CA ASN A 186 -9.35 -1.20 -3.26
C ASN A 186 -9.01 0.03 -4.13
N THR A 187 -8.18 0.94 -3.58
CA THR A 187 -7.75 2.18 -4.24
C THR A 187 -6.24 2.21 -4.55
N PHE A 188 -5.49 1.24 -4.00
CA PHE A 188 -4.05 1.09 -4.11
C PHE A 188 -3.66 -0.16 -4.89
N ILE A 189 -2.60 -0.05 -5.69
CA ILE A 189 -2.06 -1.18 -6.44
C ILE A 189 -0.95 -1.70 -5.52
N GLY A 190 -0.93 -3.00 -5.33
CA GLY A 190 0.09 -3.63 -4.52
C GLY A 190 1.39 -3.92 -5.26
N THR A 191 2.05 -4.99 -4.85
CA THR A 191 3.33 -5.45 -5.39
C THR A 191 3.17 -6.07 -6.80
N PRO A 192 4.02 -5.69 -7.78
CA PRO A 192 3.84 -6.21 -9.15
C PRO A 192 4.50 -7.54 -9.50
N TYR A 193 5.53 -7.94 -8.73
CA TYR A 193 6.41 -9.10 -8.96
C TYR A 193 5.80 -10.46 -9.27
N TRP A 194 4.60 -10.74 -8.80
CA TRP A 194 3.93 -12.02 -9.04
C TRP A 194 2.81 -11.89 -10.09
N MET A 195 2.59 -10.68 -10.63
CA MET A 195 1.56 -10.41 -11.62
C MET A 195 1.86 -11.01 -12.99
N ALA A 196 0.85 -11.66 -13.58
CA ALA A 196 0.91 -12.28 -14.91
C ALA A 196 0.90 -11.19 -15.98
N PRO A 197 1.57 -11.38 -17.14
CA PRO A 197 1.57 -10.32 -18.16
C PRO A 197 0.19 -9.76 -18.56
N GLU A 198 -0.84 -10.64 -18.65
CA GLU A 198 -2.20 -10.27 -19.06
C GLU A 198 -2.97 -9.36 -18.11
N VAL A 199 -2.51 -9.25 -16.84
CA VAL A 199 -3.18 -8.39 -15.87
C VAL A 199 -2.61 -6.96 -15.90
N ILE A 200 -1.52 -6.74 -16.67
CA ILE A 200 -0.88 -5.44 -16.80
C ILE A 200 -1.24 -4.88 -18.17
N ALA A 201 -2.01 -3.80 -18.18
CA ALA A 201 -2.47 -3.15 -19.40
C ALA A 201 -1.35 -2.45 -20.15
N CYS A 202 -1.41 -2.56 -21.49
CA CYS A 202 -0.47 -1.98 -22.45
C CYS A 202 -1.21 -1.66 -23.77
N ASP A 203 -0.53 -1.10 -24.78
CA ASP A 203 -1.19 -0.76 -26.05
C ASP A 203 -1.80 -1.97 -26.80
N GLU A 204 -1.13 -3.14 -26.73
CA GLU A 204 -1.59 -4.39 -27.35
C GLU A 204 -2.72 -5.04 -26.55
N ASN A 205 -2.62 -5.00 -25.19
CA ASN A 205 -3.61 -5.53 -24.23
C ASN A 205 -4.19 -4.33 -23.44
N PRO A 206 -5.14 -3.55 -24.04
CA PRO A 206 -5.65 -2.35 -23.37
C PRO A 206 -6.59 -2.60 -22.21
N ASP A 207 -7.39 -3.67 -22.28
CA ASP A 207 -8.34 -4.04 -21.23
C ASP A 207 -7.83 -5.27 -20.49
N ALA A 208 -6.82 -5.05 -19.62
CA ALA A 208 -6.18 -6.07 -18.80
C ALA A 208 -7.18 -6.69 -17.86
N THR A 209 -7.29 -8.02 -17.91
CA THR A 209 -8.22 -8.75 -17.08
C THR A 209 -7.60 -10.02 -16.50
N TYR A 210 -8.03 -10.38 -15.29
CA TYR A 210 -7.55 -11.58 -14.63
C TYR A 210 -8.26 -12.79 -15.24
N ASP A 211 -7.49 -13.86 -15.47
CA ASP A 211 -7.97 -15.15 -15.97
C ASP A 211 -7.61 -16.14 -14.87
N TYR A 212 -8.20 -17.34 -14.87
CA TYR A 212 -7.89 -18.39 -13.90
C TYR A 212 -6.40 -18.75 -14.05
N ARG A 213 -5.90 -18.72 -15.29
CA ARG A 213 -4.51 -18.98 -15.66
C ARG A 213 -3.49 -17.97 -15.12
N SER A 214 -3.95 -16.76 -14.73
CA SER A 214 -3.10 -15.71 -14.11
C SER A 214 -2.53 -16.20 -12.78
N ASP A 215 -3.32 -17.02 -12.04
CA ASP A 215 -2.94 -17.64 -10.77
C ASP A 215 -1.83 -18.67 -10.97
N LEU A 216 -1.80 -19.31 -12.16
CA LEU A 216 -0.79 -20.30 -12.51
C LEU A 216 0.57 -19.65 -12.74
N TRP A 217 0.60 -18.46 -13.40
CA TRP A 217 1.83 -17.67 -13.58
C TRP A 217 2.37 -17.32 -12.18
N SER A 218 1.50 -16.81 -11.30
CA SER A 218 1.83 -16.43 -9.92
C SER A 218 2.37 -17.60 -9.11
N CYS A 219 1.84 -18.82 -9.35
CA CYS A 219 2.31 -20.05 -8.71
C CYS A 219 3.76 -20.34 -9.15
N GLY A 220 4.04 -20.10 -10.43
CA GLY A 220 5.37 -20.28 -11.01
C GLY A 220 6.40 -19.34 -10.44
N ILE A 221 5.99 -18.07 -10.19
CA ILE A 221 6.85 -17.03 -9.59
C ILE A 221 7.12 -17.38 -8.12
N THR A 222 6.11 -17.92 -7.43
CA THR A 222 6.18 -18.37 -6.04
C THR A 222 7.16 -19.58 -5.95
N ALA A 223 7.15 -20.46 -6.96
CA ALA A 223 8.07 -21.60 -7.02
C ALA A 223 9.51 -21.11 -7.22
N ILE A 224 9.72 -20.02 -8.00
CA ILE A 224 11.05 -19.39 -8.20
C ILE A 224 11.48 -18.75 -6.88
N GLU A 225 10.53 -18.10 -6.17
CA GLU A 225 10.73 -17.45 -4.89
C GLU A 225 11.17 -18.48 -3.82
N MET A 226 10.61 -19.69 -3.86
CA MET A 226 10.98 -20.79 -2.95
C MET A 226 12.39 -21.29 -3.25
N ALA A 227 12.75 -21.25 -4.53
CA ALA A 227 14.04 -21.71 -5.05
C ALA A 227 15.18 -20.72 -4.89
N GLU A 228 14.88 -19.40 -4.90
CA GLU A 228 15.92 -18.36 -4.87
C GLU A 228 15.82 -17.36 -3.72
N GLY A 229 14.73 -17.41 -2.97
CA GLY A 229 14.50 -16.52 -1.84
C GLY A 229 13.82 -15.21 -2.19
N ALA A 230 13.67 -14.93 -3.49
CA ALA A 230 13.06 -13.70 -4.00
C ALA A 230 12.45 -13.93 -5.38
N PRO A 231 11.42 -13.14 -5.79
CA PRO A 231 10.86 -13.33 -7.14
C PRO A 231 11.81 -12.79 -8.21
N PRO A 232 11.60 -13.12 -9.50
CA PRO A 232 12.50 -12.61 -10.56
C PRO A 232 13.00 -11.16 -10.68
N LEU A 233 12.20 -10.10 -10.64
CA LEU A 233 12.76 -8.75 -10.85
C LEU A 233 12.89 -7.97 -9.53
N CYS A 234 13.18 -8.69 -8.42
CA CYS A 234 13.27 -8.15 -7.04
C CYS A 234 14.14 -6.92 -6.87
N ASP A 235 15.21 -6.82 -7.68
CA ASP A 235 16.17 -5.71 -7.65
C ASP A 235 15.71 -4.46 -8.40
N MET A 236 14.56 -4.54 -9.09
CA MET A 236 13.99 -3.41 -9.85
C MET A 236 13.02 -2.62 -8.99
N HIS A 237 12.90 -1.29 -9.26
CA HIS A 237 11.89 -0.44 -8.63
C HIS A 237 10.52 -1.05 -9.06
N PRO A 238 9.52 -1.16 -8.16
CA PRO A 238 8.24 -1.79 -8.54
C PRO A 238 7.60 -1.30 -9.85
N MET A 239 7.72 0.01 -10.16
CA MET A 239 7.20 0.61 -11.40
C MET A 239 7.93 0.09 -12.63
N ARG A 240 9.26 -0.15 -12.51
CA ARG A 240 10.09 -0.69 -13.58
C ARG A 240 9.72 -2.18 -13.83
N ALA A 241 9.52 -2.97 -12.75
CA ALA A 241 9.13 -4.38 -12.85
C ALA A 241 7.78 -4.53 -13.56
N LEU A 242 6.80 -3.66 -13.21
CA LEU A 242 5.47 -3.64 -13.82
C LEU A 242 5.54 -3.40 -15.35
N PHE A 243 6.46 -2.52 -15.78
CA PHE A 243 6.74 -2.23 -17.19
C PHE A 243 7.38 -3.45 -17.89
N LEU A 244 8.36 -4.08 -17.21
CA LEU A 244 9.12 -5.22 -17.73
C LEU A 244 8.38 -6.56 -17.86
N ILE A 245 7.48 -6.90 -16.91
CA ILE A 245 6.75 -8.18 -16.96
C ILE A 245 6.08 -8.52 -18.33
N PRO A 246 5.27 -7.62 -18.95
CA PRO A 246 4.65 -7.97 -20.25
C PRO A 246 5.59 -7.90 -21.45
N ARG A 247 6.79 -7.27 -21.28
CA ARG A 247 7.78 -7.08 -22.34
C ARG A 247 8.93 -8.10 -22.33
N ASN A 248 9.36 -8.55 -21.15
CA ASN A 248 10.45 -9.50 -21.00
C ASN A 248 10.03 -10.92 -21.36
N PRO A 249 10.97 -11.78 -21.84
CA PRO A 249 10.60 -13.18 -22.08
C PRO A 249 10.27 -13.87 -20.74
N PRO A 250 9.64 -15.07 -20.73
CA PRO A 250 9.34 -15.72 -19.44
C PRO A 250 10.56 -15.86 -18.53
N PRO A 251 10.44 -15.49 -17.23
CA PRO A 251 11.58 -15.66 -16.31
C PRO A 251 12.04 -17.12 -16.16
N ARG A 252 13.35 -17.31 -15.89
CA ARG A 252 13.95 -18.63 -15.75
C ARG A 252 14.68 -18.77 -14.42
N LEU A 253 14.87 -20.03 -13.97
CA LEU A 253 15.62 -20.32 -12.74
C LEU A 253 17.08 -19.96 -13.03
N LYS A 254 17.78 -19.34 -12.05
CA LYS A 254 19.18 -18.93 -12.22
C LYS A 254 20.17 -20.12 -12.25
N SER A 255 20.03 -21.07 -11.31
CA SER A 255 20.92 -22.23 -11.20
C SER A 255 20.57 -23.39 -12.16
N LYS A 256 21.60 -24.19 -12.51
CA LYS A 256 21.49 -25.35 -13.39
C LYS A 256 21.36 -26.66 -12.59
N LYS A 257 21.45 -26.56 -11.24
CA LYS A 257 21.37 -27.69 -10.31
C LYS A 257 20.03 -28.42 -10.27
N TRP A 258 18.95 -27.71 -10.63
CA TRP A 258 17.58 -28.22 -10.57
C TRP A 258 17.33 -29.34 -11.58
N SER A 259 16.37 -30.23 -11.26
CA SER A 259 16.00 -31.36 -12.11
C SER A 259 15.28 -30.85 -13.36
N LYS A 260 15.25 -31.70 -14.40
CA LYS A 260 14.58 -31.41 -15.68
C LYS A 260 13.08 -31.22 -15.48
N LYS A 261 12.49 -31.93 -14.50
CA LYS A 261 11.06 -31.83 -14.11
C LYS A 261 10.71 -30.47 -13.51
N PHE A 262 11.61 -29.87 -12.68
CA PHE A 262 11.37 -28.55 -12.07
C PHE A 262 11.41 -27.44 -13.11
N PHE A 263 12.43 -27.47 -14.02
CA PHE A 263 12.56 -26.51 -15.11
C PHE A 263 11.32 -26.55 -15.98
N SER A 264 10.82 -27.77 -16.26
CA SER A 264 9.62 -28.05 -17.04
C SER A 264 8.36 -27.51 -16.36
N PHE A 265 8.25 -27.65 -15.01
CA PHE A 265 7.13 -27.12 -14.24
C PHE A 265 7.11 -25.59 -14.31
N ILE A 266 8.28 -24.95 -14.11
CA ILE A 266 8.46 -23.49 -14.19
C ILE A 266 8.06 -23.01 -15.58
N GLU A 267 8.49 -23.73 -16.63
CA GLU A 267 8.15 -23.44 -18.03
C GLU A 267 6.64 -23.55 -18.24
N GLY A 268 5.99 -24.54 -17.63
CA GLY A 268 4.54 -24.75 -17.70
C GLY A 268 3.75 -23.60 -17.11
N CYS A 269 4.15 -23.14 -15.91
CA CYS A 269 3.52 -22.04 -15.22
C CYS A 269 3.73 -20.72 -15.94
N LEU A 270 4.94 -20.50 -16.42
CA LEU A 270 5.34 -19.24 -16.99
C LEU A 270 5.22 -19.07 -18.50
N VAL A 271 4.18 -19.67 -19.10
CA VAL A 271 3.92 -19.49 -20.52
C VAL A 271 3.44 -18.04 -20.62
N LYS A 272 4.16 -17.23 -21.42
CA LYS A 272 3.95 -15.80 -21.61
C LYS A 272 2.52 -15.46 -21.98
N ASN A 273 2.00 -16.09 -23.06
CA ASN A 273 0.63 -15.89 -23.52
C ASN A 273 -0.26 -16.87 -22.77
N TYR A 274 -1.18 -16.34 -21.93
CA TYR A 274 -2.09 -17.14 -21.12
C TYR A 274 -2.94 -18.12 -21.93
N MET A 275 -3.22 -17.82 -23.21
CA MET A 275 -4.01 -18.67 -24.11
C MET A 275 -3.36 -20.06 -24.32
N GLN A 276 -2.02 -20.20 -24.21
CA GLN A 276 -1.32 -21.51 -24.35
C GLN A 276 -0.85 -22.02 -22.99
N ARG A 277 -1.11 -21.24 -21.93
CA ARG A 277 -0.73 -21.63 -20.59
C ARG A 277 -1.65 -22.78 -20.12
N PRO A 278 -1.09 -23.87 -19.54
CA PRO A 278 -1.93 -24.97 -19.07
C PRO A 278 -2.84 -24.59 -17.90
N SER A 279 -3.91 -25.37 -17.71
CA SER A 279 -4.87 -25.17 -16.64
C SER A 279 -4.30 -25.72 -15.32
N THR A 280 -5.01 -25.47 -14.21
CA THR A 280 -4.64 -25.96 -12.88
C THR A 280 -4.71 -27.51 -12.87
N GLU A 281 -5.69 -28.08 -13.58
CA GLU A 281 -5.89 -29.53 -13.71
C GLU A 281 -4.71 -30.17 -14.44
N GLN A 282 -4.22 -29.51 -15.52
CA GLN A 282 -3.08 -29.95 -16.33
C GLN A 282 -1.79 -29.92 -15.52
N LEU A 283 -1.55 -28.81 -14.79
CA LEU A 283 -0.37 -28.61 -13.93
C LEU A 283 -0.33 -29.60 -12.77
N LEU A 284 -1.51 -30.03 -12.26
CA LEU A 284 -1.60 -31.02 -11.20
C LEU A 284 -1.17 -32.42 -11.68
N LYS A 285 -1.21 -32.65 -13.01
CA LYS A 285 -0.81 -33.90 -13.67
C LYS A 285 0.66 -33.86 -14.16
N HIS A 286 1.32 -32.68 -14.07
CA HIS A 286 2.72 -32.49 -14.47
C HIS A 286 3.64 -33.38 -13.62
N PRO A 287 4.64 -34.07 -14.22
CA PRO A 287 5.51 -34.98 -13.42
C PRO A 287 6.11 -34.45 -12.11
N PHE A 288 6.51 -33.16 -12.06
CA PHE A 288 7.08 -32.53 -10.86
C PHE A 288 6.08 -32.48 -9.69
N ILE A 289 4.78 -32.35 -10.01
CA ILE A 289 3.67 -32.26 -9.05
C ILE A 289 3.07 -33.64 -8.77
N ARG A 290 2.88 -34.42 -9.84
CA ARG A 290 2.31 -35.76 -9.81
C ARG A 290 3.22 -36.79 -9.14
N ASP A 291 4.52 -36.85 -9.51
CA ASP A 291 5.46 -37.83 -8.97
C ASP A 291 6.21 -37.32 -7.73
N GLN A 292 5.71 -37.68 -6.53
CA GLN A 292 6.29 -37.27 -5.26
C GLN A 292 6.40 -38.47 -4.30
N PRO A 293 7.46 -39.31 -4.41
CA PRO A 293 7.57 -40.48 -3.52
C PRO A 293 8.00 -40.14 -2.09
N ASN A 294 8.72 -39.02 -1.89
CA ASN A 294 9.21 -38.55 -0.59
C ASN A 294 8.22 -37.66 0.18
N GLU A 295 6.97 -37.55 -0.33
CA GLU A 295 5.85 -36.77 0.20
C GLU A 295 5.69 -36.86 1.74
N ARG A 296 5.76 -38.09 2.27
CA ARG A 296 5.65 -38.39 3.71
C ARG A 296 6.82 -37.79 4.50
N GLN A 297 8.07 -37.98 3.98
CA GLN A 297 9.30 -37.48 4.59
C GLN A 297 9.36 -35.96 4.60
N VAL A 298 8.94 -35.30 3.48
CA VAL A 298 8.89 -33.84 3.30
C VAL A 298 8.00 -33.19 4.36
N ARG A 299 6.82 -33.79 4.63
CA ARG A 299 5.85 -33.34 5.64
C ARG A 299 6.50 -33.35 7.03
N ILE A 300 7.26 -34.43 7.37
CA ILE A 300 8.00 -34.57 8.62
C ILE A 300 9.14 -33.52 8.67
N GLN A 301 9.88 -33.37 7.55
CA GLN A 301 10.98 -32.41 7.41
C GLN A 301 10.52 -30.97 7.65
N LEU A 302 9.34 -30.60 7.10
CA LEU A 302 8.73 -29.27 7.28
C LEU A 302 8.30 -29.07 8.72
N LYS A 303 7.61 -30.08 9.30
CA LYS A 303 7.14 -30.10 10.69
C LYS A 303 8.30 -29.87 11.68
N ASP A 304 9.48 -30.49 11.40
CA ASP A 304 10.71 -30.36 12.19
C ASP A 304 11.25 -28.92 12.16
N HIS A 305 11.24 -28.28 10.97
CA HIS A 305 11.68 -26.89 10.77
C HIS A 305 10.76 -25.94 11.56
N ILE A 306 9.44 -26.25 11.59
CA ILE A 306 8.40 -25.49 12.30
C ILE A 306 8.67 -25.58 13.81
N ASP A 307 8.98 -26.81 14.31
CA ASP A 307 9.29 -27.09 15.73
C ASP A 307 10.45 -26.25 16.26
N ARG A 308 11.38 -25.84 15.37
CA ARG A 308 12.49 -24.94 15.68
C ARG A 308 11.95 -23.51 15.43
N THR A 309 11.27 -22.95 16.45
CA THR A 309 10.63 -21.62 16.43
C THR A 309 11.67 -20.50 16.32
N LEU B 10 13.03 25.37 19.00
CA LEU B 10 13.03 23.92 19.24
C LEU B 10 14.43 23.31 19.04
N VAL B 11 15.20 23.22 20.13
CA VAL B 11 16.56 22.65 20.15
C VAL B 11 16.48 21.12 20.15
N ASP B 12 17.63 20.42 20.31
CA ASP B 12 17.75 18.95 20.34
C ASP B 12 17.50 18.23 19.00
N ILE B 13 17.04 18.95 17.96
CA ILE B 13 16.77 18.37 16.63
C ILE B 13 18.08 18.09 15.86
N ASP B 14 18.20 16.87 15.32
CA ASP B 14 19.34 16.43 14.51
C ASP B 14 18.80 15.63 13.33
N LEU B 15 18.77 16.25 12.15
CA LEU B 15 18.26 15.63 10.92
C LEU B 15 19.34 14.83 10.19
N SER B 16 20.56 14.81 10.75
CA SER B 16 21.73 14.15 10.18
C SER B 16 22.01 12.74 10.72
N SER B 17 21.28 12.30 11.76
CA SER B 17 21.49 10.98 12.36
C SER B 17 20.24 10.31 12.92
N LEU B 18 20.27 8.97 12.97
CA LEU B 18 19.22 8.10 13.49
C LEU B 18 19.54 7.84 14.98
N ARG B 19 18.74 8.45 15.88
CA ARG B 19 18.94 8.44 17.33
C ARG B 19 17.85 7.72 18.13
N ASP B 20 18.08 7.50 19.44
CA ASP B 20 17.08 6.91 20.33
C ASP B 20 16.13 8.08 20.70
N PRO B 21 14.79 7.91 20.69
CA PRO B 21 13.93 9.08 21.00
C PRO B 21 13.76 9.41 22.48
N ALA B 22 14.42 8.65 23.40
CA ALA B 22 14.37 8.86 24.86
C ALA B 22 14.87 10.24 25.28
N GLY B 23 14.00 11.00 25.93
CA GLY B 23 14.29 12.35 26.39
C GLY B 23 14.20 13.41 25.32
N ILE B 24 13.69 13.04 24.13
CA ILE B 24 13.53 13.97 23.00
C ILE B 24 12.07 14.01 22.58
N PHE B 25 11.53 12.83 22.23
CA PHE B 25 10.16 12.66 21.78
C PHE B 25 9.56 11.41 22.38
N GLU B 26 8.23 11.40 22.55
CA GLU B 26 7.48 10.27 23.10
C GLU B 26 6.06 10.27 22.55
N LEU B 27 5.43 9.10 22.54
CA LEU B 27 4.06 8.92 22.06
C LEU B 27 3.09 9.12 23.21
N VAL B 28 1.94 9.76 22.92
CA VAL B 28 0.88 10.03 23.90
C VAL B 28 -0.11 8.85 23.91
N GLU B 29 -0.55 8.43 22.70
CA GLU B 29 -1.49 7.31 22.54
C GLU B 29 -0.83 5.93 22.49
N VAL B 30 -1.64 4.86 22.63
CA VAL B 30 -1.18 3.46 22.60
C VAL B 30 -0.95 3.06 21.13
N VAL B 31 0.24 2.50 20.83
CA VAL B 31 0.64 2.11 19.49
C VAL B 31 0.62 0.58 19.28
N GLY B 32 1.64 -0.12 19.79
CA GLY B 32 1.79 -1.56 19.63
C GLY B 32 2.61 -1.97 18.42
N ASN B 33 3.15 -3.19 18.44
CA ASN B 33 3.98 -3.75 17.36
C ASN B 33 3.17 -4.25 16.18
N GLY B 34 3.72 -4.05 14.97
CA GLY B 34 3.14 -4.45 13.70
C GLY B 34 2.69 -3.28 12.85
N THR B 35 3.27 -2.09 13.11
CA THR B 35 2.94 -0.84 12.42
C THR B 35 3.65 -0.66 11.10
N TYR B 36 3.04 0.15 10.22
CA TYR B 36 3.53 0.47 8.88
C TYR B 36 3.33 1.97 8.52
N GLY B 37 3.27 2.82 9.55
CA GLY B 37 3.12 4.27 9.45
C GLY B 37 1.87 4.79 8.76
N GLN B 38 0.76 5.09 9.48
CA GLN B 38 0.46 5.03 10.92
C GLN B 38 1.12 6.11 11.76
N VAL B 39 0.51 7.30 11.68
CA VAL B 39 0.91 8.53 12.35
C VAL B 39 0.16 8.57 13.68
N TYR B 40 0.92 8.70 14.77
CA TYR B 40 0.37 8.77 16.11
C TYR B 40 0.70 10.14 16.73
N LYS B 41 -0.13 10.57 17.70
CA LYS B 41 0.03 11.84 18.41
C LYS B 41 1.17 11.67 19.41
N GLY B 42 2.13 12.58 19.39
CA GLY B 42 3.25 12.57 20.31
C GLY B 42 3.55 13.96 20.87
N ARG B 43 4.70 14.11 21.52
CA ARG B 43 5.17 15.40 22.06
C ARG B 43 6.67 15.49 22.27
N HIS B 44 7.21 16.72 22.20
CA HIS B 44 8.62 17.05 22.42
C HIS B 44 8.82 17.03 23.94
N VAL B 45 9.46 15.95 24.43
CA VAL B 45 9.70 15.72 25.86
C VAL B 45 10.90 16.54 26.40
N LYS B 46 10.70 17.86 26.47
CA LYS B 46 11.63 18.85 26.96
C LYS B 46 10.76 20.01 27.40
N THR B 47 10.27 20.79 26.41
CA THR B 47 9.36 21.94 26.55
C THR B 47 8.91 22.24 25.12
N GLY B 48 7.79 21.65 24.67
CA GLY B 48 6.88 20.76 25.39
C GLY B 48 5.74 20.37 24.47
N GLN B 49 5.67 21.06 23.31
CA GLN B 49 4.68 20.98 22.23
C GLN B 49 4.45 19.59 21.63
N LEU B 50 3.23 19.38 21.08
CA LEU B 50 2.77 18.19 20.39
C LEU B 50 3.53 17.98 19.09
N ALA B 51 3.57 16.71 18.62
CA ALA B 51 4.23 16.30 17.37
C ALA B 51 3.54 15.09 16.76
N ALA B 52 3.61 14.97 15.43
CA ALA B 52 3.08 13.86 14.67
C ALA B 52 4.22 12.84 14.52
N ILE B 53 3.99 11.59 14.97
CA ILE B 53 5.02 10.53 14.89
C ILE B 53 4.56 9.34 14.05
N LYS B 54 5.21 9.14 12.89
CA LYS B 54 4.96 8.02 12.01
C LYS B 54 5.81 6.86 12.53
N VAL B 55 5.16 5.76 12.95
CA VAL B 55 5.82 4.58 13.52
C VAL B 55 5.76 3.45 12.46
N MET B 56 6.92 2.86 12.15
CA MET B 56 7.09 1.82 11.14
C MET B 56 8.06 0.77 11.67
N ASP B 57 7.64 -0.50 11.74
CA ASP B 57 8.56 -1.57 12.17
C ASP B 57 9.52 -1.87 11.02
N VAL B 58 10.82 -1.89 11.33
CA VAL B 58 11.89 -2.10 10.36
C VAL B 58 12.80 -3.29 10.69
N THR B 59 13.39 -3.90 9.65
CA THR B 59 14.35 -4.99 9.83
C THR B 59 15.72 -4.36 10.10
N GLU B 60 16.74 -5.17 10.41
CA GLU B 60 18.10 -4.67 10.64
C GLU B 60 18.71 -4.07 9.35
N ASP B 61 18.37 -4.65 8.18
CA ASP B 61 18.82 -4.20 6.87
C ASP B 61 18.14 -2.89 6.49
N GLU B 62 16.84 -2.74 6.83
CA GLU B 62 16.07 -1.52 6.61
C GLU B 62 16.60 -0.37 7.49
N GLU B 63 17.13 -0.70 8.69
CA GLU B 63 17.75 0.24 9.63
C GLU B 63 19.04 0.82 9.03
N GLU B 64 19.85 -0.03 8.36
CA GLU B 64 21.07 0.40 7.68
C GLU B 64 20.73 1.26 6.47
N GLU B 65 19.64 0.90 5.78
CA GLU B 65 19.09 1.59 4.61
C GLU B 65 18.66 3.02 4.99
N ILE B 66 18.01 3.19 6.16
CA ILE B 66 17.56 4.48 6.68
C ILE B 66 18.77 5.37 7.02
N LYS B 67 19.81 4.79 7.64
CA LYS B 67 21.06 5.49 8.01
C LYS B 67 21.74 6.05 6.76
N LEU B 68 21.73 5.27 5.65
CA LEU B 68 22.28 5.64 4.35
C LEU B 68 21.46 6.77 3.74
N GLU B 69 20.11 6.62 3.76
CA GLU B 69 19.15 7.58 3.22
C GLU B 69 19.16 8.93 3.95
N ILE B 70 19.44 8.92 5.28
CA ILE B 70 19.55 10.14 6.08
C ILE B 70 20.74 10.99 5.58
N ASN B 71 21.82 10.34 5.12
CA ASN B 71 22.99 11.06 4.57
C ASN B 71 22.68 11.68 3.20
N MET B 72 21.65 11.16 2.51
CA MET B 72 21.21 11.66 1.20
C MET B 72 20.22 12.82 1.31
N LEU B 73 19.74 13.13 2.54
CA LEU B 73 18.79 14.22 2.80
C LEU B 73 19.32 15.57 2.37
N LYS B 74 18.45 16.41 1.78
CA LYS B 74 18.81 17.77 1.37
C LYS B 74 18.45 18.75 2.48
N LYS B 75 19.20 19.85 2.57
CA LYS B 75 18.97 20.87 3.59
C LYS B 75 18.02 21.94 3.08
N TYR B 76 17.00 22.27 3.89
CA TYR B 76 16.01 23.33 3.65
C TYR B 76 15.41 23.78 4.98
N SER B 77 15.25 25.10 5.14
CA SER B 77 14.74 25.69 6.37
C SER B 77 13.25 25.47 6.58
N HIS B 78 12.74 25.97 7.72
CA HIS B 78 11.33 25.94 8.11
C HIS B 78 10.55 26.81 7.13
N HIS B 79 9.31 26.40 6.83
CA HIS B 79 8.41 27.15 5.98
C HIS B 79 7.00 26.97 6.51
N ARG B 80 6.27 28.09 6.66
CA ARG B 80 4.89 28.14 7.16
C ARG B 80 3.89 27.23 6.42
N ASN B 81 4.27 26.73 5.23
CA ASN B 81 3.43 25.84 4.41
C ASN B 81 3.91 24.38 4.40
N ILE B 82 4.87 24.06 5.26
CA ILE B 82 5.39 22.69 5.36
C ILE B 82 5.36 22.31 6.84
N ALA B 83 4.73 21.16 7.15
CA ALA B 83 4.69 20.64 8.50
C ALA B 83 6.12 20.15 8.76
N THR B 84 6.87 20.89 9.61
CA THR B 84 8.29 20.67 9.89
C THR B 84 8.72 19.25 10.23
N TYR B 85 9.69 18.75 9.47
CA TYR B 85 10.30 17.45 9.70
C TYR B 85 11.30 17.60 10.87
N TYR B 86 11.00 16.93 12.00
CA TYR B 86 11.80 16.99 13.21
C TYR B 86 12.87 15.90 13.34
N GLY B 87 12.91 15.00 12.37
CA GLY B 87 13.93 13.96 12.34
C GLY B 87 13.46 12.54 12.47
N ALA B 88 14.44 11.62 12.51
CA ALA B 88 14.20 10.18 12.57
C ALA B 88 14.83 9.53 13.80
N PHE B 89 14.12 8.55 14.34
CA PHE B 89 14.52 7.87 15.56
C PHE B 89 14.30 6.38 15.51
N ILE B 90 15.10 5.63 16.28
CA ILE B 90 14.97 4.18 16.36
C ILE B 90 14.69 3.73 17.80
N LYS B 91 13.57 3.01 17.99
CA LYS B 91 13.21 2.48 19.31
C LYS B 91 13.55 0.98 19.30
N LYS B 92 14.77 0.63 19.80
CA LYS B 92 15.29 -0.74 19.87
C LYS B 92 14.54 -1.54 20.93
N SER B 93 13.27 -1.84 20.63
CA SER B 93 12.36 -2.56 21.50
C SER B 93 11.22 -3.21 20.72
N PRO B 94 10.75 -4.42 21.11
CA PRO B 94 11.18 -5.30 22.21
C PRO B 94 12.18 -6.40 21.77
N PRO B 95 12.98 -7.02 22.68
CA PRO B 95 13.87 -8.11 22.24
C PRO B 95 13.08 -9.39 21.98
N GLY B 96 12.57 -9.48 20.76
CA GLY B 96 11.74 -10.58 20.25
C GLY B 96 10.93 -10.18 19.02
N HIS B 97 10.89 -8.87 18.72
CA HIS B 97 10.17 -8.28 17.58
C HIS B 97 11.05 -7.26 16.82
N ASP B 98 10.54 -6.76 15.68
CA ASP B 98 11.23 -5.74 14.85
C ASP B 98 11.24 -4.39 15.56
N ASP B 99 12.36 -3.65 15.42
CA ASP B 99 12.50 -2.31 16.01
C ASP B 99 11.61 -1.32 15.28
N GLN B 100 11.26 -0.23 15.96
CA GLN B 100 10.41 0.77 15.35
C GLN B 100 11.17 2.01 14.94
N LEU B 101 10.93 2.44 13.69
CA LEU B 101 11.44 3.67 13.10
C LEU B 101 10.41 4.76 13.35
N TRP B 102 10.83 5.87 13.96
CA TRP B 102 9.95 7.00 14.24
C TRP B 102 10.35 8.17 13.33
N LEU B 103 9.41 8.62 12.49
CA LEU B 103 9.62 9.80 11.63
C LEU B 103 8.77 10.90 12.26
N VAL B 104 9.45 11.90 12.83
CA VAL B 104 8.80 12.97 13.60
C VAL B 104 8.53 14.22 12.76
N MET B 105 7.30 14.75 12.90
CA MET B 105 6.80 15.92 12.19
C MET B 105 6.00 16.87 13.08
N GLU B 106 5.78 18.09 12.60
CA GLU B 106 4.96 19.12 13.27
C GLU B 106 3.50 18.65 13.27
N PHE B 107 2.84 18.80 14.42
CA PHE B 107 1.46 18.39 14.64
C PHE B 107 0.49 19.46 14.14
N CYS B 108 -0.40 19.04 13.20
CA CYS B 108 -1.49 19.81 12.60
C CYS B 108 -2.77 19.13 13.05
N GLY B 109 -3.54 19.81 13.92
CA GLY B 109 -4.74 19.26 14.55
C GLY B 109 -6.08 19.29 13.84
N ALA B 110 -6.23 20.05 12.74
CA ALA B 110 -7.52 20.14 12.04
C ALA B 110 -7.74 19.16 10.88
N GLY B 111 -6.79 18.27 10.64
CA GLY B 111 -6.87 17.24 9.62
C GLY B 111 -6.53 17.65 8.20
N SER B 112 -6.73 16.70 7.27
CA SER B 112 -6.42 16.86 5.86
C SER B 112 -7.47 17.62 5.07
N ILE B 113 -7.10 17.99 3.83
CA ILE B 113 -7.96 18.68 2.86
C ILE B 113 -9.01 17.68 2.36
N THR B 114 -8.69 16.38 2.31
CA THR B 114 -9.61 15.30 1.93
C THR B 114 -10.77 15.24 2.92
N ASP B 115 -10.47 15.37 4.23
CA ASP B 115 -11.46 15.40 5.31
C ASP B 115 -12.32 16.65 5.20
N LEU B 116 -11.70 17.79 4.83
CA LEU B 116 -12.36 19.09 4.64
C LEU B 116 -13.43 19.02 3.55
N VAL B 117 -13.14 18.36 2.40
CA VAL B 117 -14.10 18.20 1.29
C VAL B 117 -15.19 17.22 1.67
N LYS B 118 -14.82 16.12 2.35
CA LYS B 118 -15.76 15.08 2.78
C LYS B 118 -16.74 15.56 3.86
N ASN B 119 -16.32 16.54 4.68
CA ASN B 119 -17.16 17.14 5.73
C ASN B 119 -17.93 18.38 5.25
N THR B 120 -17.73 18.83 3.99
CA THR B 120 -18.44 20.00 3.42
C THR B 120 -19.42 19.62 2.33
N LYS B 121 -20.57 20.33 2.29
CA LYS B 121 -21.67 20.20 1.31
C LYS B 121 -21.98 18.74 0.98
N GLY B 122 -21.52 18.28 -0.17
CA GLY B 122 -21.68 16.90 -0.62
C GLY B 122 -21.20 16.63 -2.03
N ASN B 123 -19.88 16.71 -2.33
CA ASN B 123 -18.74 17.07 -1.48
C ASN B 123 -17.87 17.98 -2.35
N THR B 124 -18.07 19.29 -2.23
CA THR B 124 -17.40 20.31 -3.04
C THR B 124 -16.96 21.50 -2.18
N LEU B 125 -15.91 22.23 -2.61
CA LEU B 125 -15.46 23.42 -1.88
C LEU B 125 -15.69 24.65 -2.74
N LYS B 126 -15.83 25.82 -2.11
CA LYS B 126 -16.04 27.10 -2.79
C LYS B 126 -14.78 27.43 -3.57
N GLU B 127 -14.92 28.05 -4.75
CA GLU B 127 -13.79 28.41 -5.61
C GLU B 127 -12.69 29.24 -4.92
N ASP B 128 -13.10 30.20 -4.06
CA ASP B 128 -12.16 31.04 -3.31
C ASP B 128 -11.39 30.26 -2.24
N TRP B 129 -11.95 29.13 -1.77
CA TRP B 129 -11.33 28.22 -0.83
C TRP B 129 -10.28 27.39 -1.59
N ILE B 130 -10.65 26.91 -2.81
CA ILE B 130 -9.75 26.13 -3.67
C ILE B 130 -8.55 26.99 -4.08
N ALA B 131 -8.79 28.27 -4.43
CA ALA B 131 -7.76 29.25 -4.79
C ALA B 131 -6.77 29.47 -3.65
N TYR B 132 -7.28 29.67 -2.41
CA TYR B 132 -6.48 29.90 -1.21
C TYR B 132 -5.64 28.68 -0.88
N ILE B 133 -6.27 27.50 -0.79
CA ILE B 133 -5.57 26.25 -0.49
C ILE B 133 -4.50 25.92 -1.55
N SER B 134 -4.83 26.03 -2.86
CA SER B 134 -3.89 25.77 -3.97
C SER B 134 -2.66 26.67 -3.92
N ARG B 135 -2.84 27.96 -3.58
CA ARG B 135 -1.74 28.93 -3.46
C ARG B 135 -0.79 28.53 -2.34
N GLU B 136 -1.35 28.08 -1.21
CA GLU B 136 -0.58 27.64 -0.05
C GLU B 136 0.22 26.36 -0.36
N ILE B 137 -0.37 25.45 -1.19
CA ILE B 137 0.28 24.23 -1.68
C ILE B 137 1.46 24.66 -2.54
N LEU B 138 1.21 25.58 -3.51
CA LEU B 138 2.21 26.12 -4.43
C LEU B 138 3.35 26.82 -3.71
N ARG B 139 3.05 27.55 -2.61
CA ARG B 139 4.05 28.26 -1.81
C ARG B 139 4.97 27.28 -1.07
N GLY B 140 4.41 26.16 -0.63
CA GLY B 140 5.14 25.08 0.04
C GLY B 140 6.00 24.34 -0.96
N LEU B 141 5.46 24.11 -2.18
CA LEU B 141 6.16 23.43 -3.27
C LEU B 141 7.31 24.29 -3.78
N ALA B 142 7.11 25.62 -3.89
CA ALA B 142 8.15 26.57 -4.31
C ALA B 142 9.35 26.52 -3.36
N HIS B 143 9.11 26.41 -2.03
CA HIS B 143 10.17 26.30 -1.03
C HIS B 143 10.95 25.00 -1.23
N LEU B 144 10.25 23.89 -1.47
CA LEU B 144 10.86 22.60 -1.72
C LEU B 144 11.64 22.59 -3.03
N HIS B 145 11.04 23.08 -4.13
CA HIS B 145 11.66 23.11 -5.46
C HIS B 145 12.92 23.98 -5.56
N ILE B 146 12.96 25.10 -4.82
CA ILE B 146 14.11 26.02 -4.74
C ILE B 146 15.34 25.31 -4.11
N HIS B 147 15.08 24.36 -3.19
CA HIS B 147 16.10 23.57 -2.51
C HIS B 147 16.29 22.21 -3.17
N HIS B 148 15.84 22.08 -4.44
CA HIS B 148 15.92 20.90 -5.28
C HIS B 148 15.27 19.63 -4.69
N VAL B 149 14.14 19.83 -3.98
CA VAL B 149 13.37 18.76 -3.36
C VAL B 149 12.01 18.60 -4.07
N ILE B 150 11.72 17.39 -4.53
CA ILE B 150 10.43 17.02 -5.12
C ILE B 150 9.63 16.35 -3.99
N HIS B 151 8.39 16.82 -3.77
CA HIS B 151 7.52 16.26 -2.73
C HIS B 151 7.15 14.82 -3.08
N ARG B 152 6.78 14.55 -4.36
CA ARG B 152 6.42 13.24 -4.96
C ARG B 152 5.04 12.68 -4.57
N ASP B 153 4.37 13.26 -3.55
CA ASP B 153 3.08 12.75 -3.11
C ASP B 153 2.05 13.84 -2.74
N ILE B 154 1.85 14.82 -3.65
CA ILE B 154 0.83 15.85 -3.43
C ILE B 154 -0.53 15.27 -3.79
N LYS B 155 -1.40 15.18 -2.78
CA LYS B 155 -2.78 14.70 -2.81
C LYS B 155 -3.45 15.36 -1.62
N GLY B 156 -4.77 15.36 -1.61
CA GLY B 156 -5.56 15.96 -0.53
C GLY B 156 -5.21 15.49 0.87
N GLN B 157 -4.90 14.19 1.03
CA GLN B 157 -4.52 13.59 2.33
C GLN B 157 -3.18 14.09 2.86
N ASN B 158 -2.28 14.53 1.95
CA ASN B 158 -0.96 15.03 2.32
C ASN B 158 -0.88 16.55 2.51
N VAL B 159 -2.03 17.22 2.48
CA VAL B 159 -2.16 18.66 2.68
C VAL B 159 -3.04 18.81 3.93
N LEU B 160 -2.49 19.36 5.01
CA LEU B 160 -3.20 19.48 6.29
C LEU B 160 -3.46 20.91 6.78
N LEU B 161 -4.31 21.02 7.83
CA LEU B 161 -4.70 22.26 8.51
C LEU B 161 -4.33 22.25 9.99
N THR B 162 -3.90 23.40 10.53
CA THR B 162 -3.56 23.53 11.96
C THR B 162 -4.82 24.03 12.71
N GLU B 163 -4.69 24.39 14.01
CA GLU B 163 -5.79 24.95 14.82
C GLU B 163 -6.30 26.23 14.13
N ASN B 164 -5.36 27.04 13.59
CA ASN B 164 -5.62 28.23 12.79
C ASN B 164 -5.86 27.77 11.34
N ALA B 165 -6.29 28.67 10.46
CA ALA B 165 -6.52 28.28 9.06
C ALA B 165 -5.20 28.18 8.24
N GLU B 166 -4.15 27.55 8.82
CA GLU B 166 -2.84 27.38 8.17
C GLU B 166 -2.80 26.08 7.38
N VAL B 167 -2.34 26.15 6.11
CA VAL B 167 -2.23 25.01 5.21
C VAL B 167 -0.77 24.54 5.20
N LYS B 168 -0.53 23.23 5.48
CA LYS B 168 0.83 22.67 5.54
C LYS B 168 0.99 21.34 4.82
N LEU B 169 2.05 21.21 4.02
CA LEU B 169 2.36 19.98 3.31
C LEU B 169 3.00 18.98 4.29
N VAL B 170 2.60 17.71 4.21
CA VAL B 170 3.15 16.62 5.04
C VAL B 170 4.64 16.47 4.67
N ASP B 171 5.52 16.46 5.68
CA ASP B 171 6.96 16.28 5.45
C ASP B 171 7.55 15.35 6.50
N PHE B 172 7.68 14.07 6.15
CA PHE B 172 8.30 13.05 7.00
C PHE B 172 9.67 12.70 6.42
N GLY B 173 10.29 13.70 5.79
CA GLY B 173 11.60 13.59 5.16
C GLY B 173 11.52 13.35 3.68
N VAL B 174 10.64 14.12 2.98
CA VAL B 174 10.36 14.05 1.53
C VAL B 174 11.59 13.99 0.61
N SER B 175 12.68 14.66 1.03
CA SER B 175 13.96 14.77 0.35
C SER B 175 14.58 13.41 0.00
N ALA B 176 14.47 12.42 0.91
CA ALA B 176 15.00 11.07 0.71
C ALA B 176 13.91 9.99 0.73
N GLN B 177 12.62 10.43 0.77
CA GLN B 177 11.42 9.58 0.75
C GLN B 177 11.42 8.53 1.86
N LEU B 178 11.90 8.95 3.05
CA LEU B 178 12.06 8.11 4.23
C LEU B 178 10.81 7.32 4.65
N ASP B 179 9.60 7.84 4.37
CA ASP B 179 8.33 7.17 4.70
C ASP B 179 7.79 6.19 3.64
N ARG B 180 8.50 6.08 2.49
CA ARG B 180 8.09 5.19 1.39
C ARG B 180 9.09 4.10 1.03
N THR B 181 10.35 4.26 1.45
CA THR B 181 11.43 3.33 1.09
C THR B 181 11.47 2.06 1.90
N VAL B 182 11.02 2.10 3.15
CA VAL B 182 11.07 0.95 4.05
C VAL B 182 9.69 0.51 4.55
N GLY B 183 9.62 -0.70 5.07
CA GLY B 183 8.37 -1.29 5.52
C GLY B 183 7.91 -2.37 4.58
N ARG B 184 7.03 -3.26 5.07
CA ARG B 184 6.51 -4.38 4.27
C ARG B 184 5.58 -3.95 3.10
N ARG B 185 5.23 -2.65 3.04
CA ARG B 185 4.40 -2.06 1.99
C ARG B 185 5.21 -1.21 0.98
N ASN B 186 6.56 -1.21 1.10
CA ASN B 186 7.43 -0.41 0.24
C ASN B 186 7.48 -0.82 -1.25
N THR B 187 7.30 -2.13 -1.56
CA THR B 187 7.30 -2.70 -2.93
C THR B 187 5.97 -2.56 -3.67
N PHE B 188 5.01 -1.91 -3.04
CA PHE B 188 3.67 -1.69 -3.60
C PHE B 188 3.69 -0.46 -4.50
N ILE B 189 2.99 -0.53 -5.65
CA ILE B 189 2.84 0.62 -6.56
C ILE B 189 2.18 1.87 -5.90
N GLY B 190 1.16 1.68 -5.08
CA GLY B 190 0.46 2.76 -4.38
C GLY B 190 -0.73 3.24 -5.16
N THR B 191 -1.36 4.35 -4.72
CA THR B 191 -2.52 4.94 -5.39
C THR B 191 -2.09 5.68 -6.67
N PRO B 192 -2.71 5.41 -7.85
CA PRO B 192 -2.25 6.07 -9.08
C PRO B 192 -2.86 7.45 -9.41
N TYR B 193 -4.03 7.76 -8.85
CA TYR B 193 -4.87 8.91 -9.13
C TYR B 193 -4.26 10.31 -9.19
N TRP B 194 -3.20 10.59 -8.43
CA TRP B 194 -2.55 11.91 -8.42
C TRP B 194 -1.22 11.90 -9.19
N MET B 195 -0.84 10.73 -9.74
CA MET B 195 0.40 10.54 -10.49
C MET B 195 0.39 11.24 -11.84
N ALA B 196 1.48 11.97 -12.11
CA ALA B 196 1.71 12.68 -13.37
C ALA B 196 2.02 11.65 -14.46
N PRO B 197 1.67 11.89 -15.76
CA PRO B 197 1.97 10.89 -16.80
C PRO B 197 3.42 10.39 -16.85
N GLU B 198 4.40 11.29 -16.61
CA GLU B 198 5.83 10.96 -16.65
C GLU B 198 6.34 10.02 -15.57
N VAL B 199 5.58 9.83 -14.49
CA VAL B 199 6.00 8.92 -13.42
C VAL B 199 5.51 7.46 -13.69
N ILE B 200 4.68 7.28 -14.72
CA ILE B 200 4.12 5.99 -15.12
C ILE B 200 4.85 5.50 -16.35
N ALA B 201 5.64 4.43 -16.19
CA ALA B 201 6.43 3.84 -17.27
C ALA B 201 5.53 3.12 -18.26
N CYS B 202 5.70 3.40 -19.56
CA CYS B 202 4.89 2.80 -20.63
C CYS B 202 5.61 2.91 -21.97
N ASP B 203 4.85 2.69 -23.06
CA ASP B 203 5.32 2.79 -24.44
C ASP B 203 5.59 4.29 -24.69
N GLU B 204 6.87 4.63 -24.94
CA GLU B 204 7.46 5.98 -25.19
C GLU B 204 8.18 6.59 -23.98
N ASN B 205 7.80 6.18 -22.75
CA ASN B 205 8.46 6.63 -21.53
C ASN B 205 8.92 5.37 -20.73
N PRO B 206 10.03 4.69 -21.14
CA PRO B 206 10.44 3.47 -20.44
C PRO B 206 11.08 3.68 -19.08
N ASP B 207 11.80 4.80 -18.89
CA ASP B 207 12.46 5.15 -17.64
C ASP B 207 11.73 6.28 -16.95
N ALA B 208 10.58 5.95 -16.33
CA ALA B 208 9.73 6.88 -15.62
C ALA B 208 10.45 7.49 -14.42
N THR B 209 10.50 8.82 -14.37
CA THR B 209 11.16 9.55 -13.28
C THR B 209 10.37 10.76 -12.83
N TYR B 210 10.48 11.11 -11.54
CA TYR B 210 9.83 12.28 -10.97
C TYR B 210 10.61 13.54 -11.32
N ASP B 211 9.87 14.61 -11.67
CA ASP B 211 10.42 15.93 -11.98
C ASP B 211 9.73 16.87 -11.00
N TYR B 212 10.22 18.12 -10.84
CA TYR B 212 9.62 19.13 -9.95
C TYR B 212 8.22 19.43 -10.46
N ARG B 213 8.05 19.39 -11.80
CA ARG B 213 6.79 19.64 -12.48
C ARG B 213 5.73 18.56 -12.27
N SER B 214 6.12 17.37 -11.76
CA SER B 214 5.22 16.26 -11.42
C SER B 214 4.32 16.68 -10.27
N ASP B 215 4.85 17.50 -9.33
CA ASP B 215 4.13 18.05 -8.17
C ASP B 215 3.05 19.04 -8.61
N LEU B 216 3.27 19.72 -9.75
CA LEU B 216 2.32 20.68 -10.33
C LEU B 216 1.11 19.97 -10.90
N TRP B 217 1.31 18.82 -11.59
CA TRP B 217 0.21 17.98 -12.08
C TRP B 217 -0.63 17.52 -10.89
N SER B 218 0.04 17.02 -9.84
CA SER B 218 -0.59 16.53 -8.60
C SER B 218 -1.37 17.62 -7.90
N CYS B 219 -0.90 18.89 -7.96
CA CYS B 219 -1.57 20.08 -7.39
C CYS B 219 -2.89 20.29 -8.16
N GLY B 220 -2.85 20.12 -9.49
CA GLY B 220 -4.01 20.23 -10.36
C GLY B 220 -5.09 19.21 -10.06
N ILE B 221 -4.67 17.96 -9.79
CA ILE B 221 -5.55 16.83 -9.43
C ILE B 221 -6.18 17.10 -8.06
N THR B 222 -5.38 17.65 -7.12
CA THR B 222 -5.83 18.03 -5.77
C THR B 222 -6.88 19.16 -5.86
N ALA B 223 -6.70 20.09 -6.81
CA ALA B 223 -7.65 21.17 -7.04
C ALA B 223 -8.97 20.62 -7.59
N ILE B 224 -8.92 19.56 -8.43
CA ILE B 224 -10.11 18.87 -8.95
C ILE B 224 -10.79 18.13 -7.79
N GLU B 225 -9.98 17.50 -6.92
CA GLU B 225 -10.42 16.76 -5.73
C GLU B 225 -11.17 17.70 -4.76
N MET B 226 -10.70 18.96 -4.62
CA MET B 226 -11.34 19.97 -3.77
C MET B 226 -12.68 20.40 -4.38
N ALA B 227 -12.74 20.41 -5.73
CA ALA B 227 -13.90 20.82 -6.50
C ALA B 227 -14.97 19.75 -6.66
N GLU B 228 -14.59 18.45 -6.64
CA GLU B 228 -15.53 17.34 -6.89
C GLU B 228 -15.63 16.28 -5.78
N GLY B 229 -14.74 16.37 -4.79
CA GLY B 229 -14.70 15.44 -3.66
C GLY B 229 -13.87 14.19 -3.90
N ALA B 230 -13.42 13.99 -5.15
CA ALA B 230 -12.64 12.83 -5.58
C ALA B 230 -11.75 13.20 -6.78
N PRO B 231 -10.62 12.50 -6.98
CA PRO B 231 -9.78 12.80 -8.14
C PRO B 231 -10.40 12.29 -9.45
N PRO B 232 -9.92 12.75 -10.65
CA PRO B 232 -10.43 12.19 -11.90
C PRO B 232 -9.97 10.72 -11.93
N LEU B 233 -10.82 9.90 -12.51
CA LEU B 233 -10.70 8.45 -12.66
C LEU B 233 -10.99 7.59 -11.41
N CYS B 234 -11.53 8.21 -10.34
CA CYS B 234 -11.89 7.56 -9.06
C CYS B 234 -12.77 6.29 -9.21
N ASP B 235 -13.62 6.25 -10.25
CA ASP B 235 -14.54 5.16 -10.60
C ASP B 235 -13.86 3.96 -11.31
N MET B 236 -12.57 4.11 -11.68
CA MET B 236 -11.80 3.06 -12.36
C MET B 236 -11.03 2.21 -11.36
N HIS B 237 -10.81 0.93 -11.70
CA HIS B 237 -9.94 0.04 -10.91
C HIS B 237 -8.53 0.72 -10.95
N PRO B 238 -7.76 0.77 -9.83
CA PRO B 238 -6.46 1.47 -9.86
C PRO B 238 -5.52 1.10 -11.00
N MET B 239 -5.50 -0.17 -11.44
CA MET B 239 -4.69 -0.66 -12.57
C MET B 239 -5.14 -0.05 -13.90
N ARG B 240 -6.46 0.15 -14.07
CA ARG B 240 -7.05 0.78 -15.25
C ARG B 240 -6.70 2.27 -15.29
N ALA B 241 -6.79 2.98 -14.14
CA ALA B 241 -6.45 4.41 -14.02
C ALA B 241 -4.97 4.64 -14.38
N LEU B 242 -4.07 3.77 -13.88
CA LEU B 242 -2.64 3.82 -14.13
C LEU B 242 -2.35 3.72 -15.64
N PHE B 243 -3.10 2.86 -16.37
CA PHE B 243 -3.00 2.69 -17.82
C PHE B 243 -3.50 3.95 -18.54
N LEU B 244 -4.64 4.50 -18.09
CA LEU B 244 -5.30 5.67 -18.67
C LEU B 244 -4.61 7.02 -18.51
N ILE B 245 -3.98 7.31 -17.34
CA ILE B 245 -3.30 8.60 -17.12
C ILE B 245 -2.32 9.05 -18.25
N PRO B 246 -1.34 8.22 -18.70
CA PRO B 246 -0.44 8.68 -19.78
C PRO B 246 -1.07 8.68 -21.17
N ARG B 247 -2.24 8.03 -21.35
CA ARG B 247 -2.93 7.90 -22.64
C ARG B 247 -4.09 8.88 -22.86
N ASN B 248 -4.83 9.20 -21.80
CA ASN B 248 -5.96 10.11 -21.88
C ASN B 248 -5.53 11.55 -22.03
N PRO B 249 -6.33 12.42 -22.69
CA PRO B 249 -5.97 13.85 -22.74
C PRO B 249 -6.02 14.44 -21.31
N PRO B 250 -5.45 15.63 -21.04
CA PRO B 250 -5.50 16.16 -19.66
C PRO B 250 -6.92 16.18 -19.05
N PRO B 251 -7.08 15.69 -17.79
CA PRO B 251 -8.43 15.69 -17.18
C PRO B 251 -9.04 17.08 -17.07
N ARG B 252 -10.39 17.13 -17.11
CA ARG B 252 -11.14 18.38 -17.03
C ARG B 252 -12.15 18.37 -15.89
N LEU B 253 -12.54 19.57 -15.43
CA LEU B 253 -13.57 19.74 -14.41
C LEU B 253 -14.89 19.29 -15.02
N LYS B 254 -15.72 18.60 -14.24
CA LYS B 254 -17.02 18.07 -14.70
C LYS B 254 -18.05 19.19 -14.97
N SER B 255 -18.23 20.12 -14.00
CA SER B 255 -19.21 21.22 -14.09
C SER B 255 -18.72 22.42 -14.90
N LYS B 256 -19.67 23.18 -15.47
CA LYS B 256 -19.43 24.39 -16.27
C LYS B 256 -19.59 25.67 -15.41
N LYS B 257 -20.00 25.50 -14.13
CA LYS B 257 -20.24 26.58 -13.16
C LYS B 257 -19.00 27.39 -12.77
N TRP B 258 -17.81 26.76 -12.88
CA TRP B 258 -16.53 27.36 -12.49
C TRP B 258 -16.13 28.55 -13.36
N SER B 259 -15.36 29.47 -12.77
CA SER B 259 -14.87 30.66 -13.47
C SER B 259 -13.85 30.28 -14.54
N LYS B 260 -13.64 31.18 -15.51
CA LYS B 260 -12.68 30.99 -16.60
C LYS B 260 -11.25 30.86 -16.05
N LYS B 261 -10.95 31.58 -14.94
CA LYS B 261 -9.67 31.56 -14.22
C LYS B 261 -9.36 30.19 -13.63
N PHE B 262 -10.37 29.48 -13.06
CA PHE B 262 -10.18 28.16 -12.47
C PHE B 262 -9.90 27.09 -13.54
N PHE B 263 -10.67 27.11 -14.65
CA PHE B 263 -10.48 26.21 -15.78
C PHE B 263 -9.07 26.39 -16.35
N SER B 264 -8.62 27.65 -16.44
CA SER B 264 -7.30 28.07 -16.92
C SER B 264 -6.19 27.57 -16.00
N PHE B 265 -6.40 27.62 -14.66
CA PHE B 265 -5.45 27.13 -13.66
C PHE B 265 -5.28 25.61 -13.80
N ILE B 266 -6.40 24.88 -13.91
CA ILE B 266 -6.46 23.42 -14.09
C ILE B 266 -5.71 23.05 -15.37
N GLU B 267 -5.92 23.82 -16.45
CA GLU B 267 -5.26 23.63 -17.74
C GLU B 267 -3.74 23.84 -17.62
N GLY B 268 -3.32 24.82 -16.83
CA GLY B 268 -1.92 25.11 -16.56
C GLY B 268 -1.19 23.98 -15.85
N CYS B 269 -1.83 23.43 -14.79
CA CYS B 269 -1.31 22.33 -13.97
C CYS B 269 -1.22 21.06 -14.77
N LEU B 270 -2.28 20.80 -15.55
CA LEU B 270 -2.44 19.56 -16.29
C LEU B 270 -1.94 19.56 -17.73
N VAL B 271 -0.74 20.13 -17.95
CA VAL B 271 -0.10 20.04 -19.26
C VAL B 271 0.45 18.63 -19.27
N LYS B 272 0.01 17.85 -20.26
CA LYS B 272 0.33 16.45 -20.46
C LYS B 272 1.84 16.17 -20.46
N ASN B 273 2.60 16.87 -21.32
CA ASN B 273 4.05 16.73 -21.42
C ASN B 273 4.67 17.69 -20.42
N TYR B 274 5.36 17.14 -19.39
CA TYR B 274 6.00 17.92 -18.33
C TYR B 274 7.01 18.96 -18.80
N MET B 275 7.64 18.73 -19.97
CA MET B 275 8.64 19.63 -20.58
C MET B 275 8.00 20.98 -20.93
N GLN B 276 6.70 20.93 -21.20
CA GLN B 276 5.87 22.05 -21.61
C GLN B 276 4.91 22.52 -20.49
N ARG B 277 5.08 21.99 -19.26
CA ARG B 277 4.31 22.34 -18.09
C ARG B 277 4.96 23.52 -17.37
N PRO B 278 4.18 24.53 -16.91
CA PRO B 278 4.79 25.68 -16.22
C PRO B 278 5.38 25.30 -14.87
N SER B 279 6.30 26.14 -14.39
CA SER B 279 6.96 25.97 -13.10
C SER B 279 6.03 26.43 -11.98
N THR B 280 6.45 26.19 -10.73
CA THR B 280 5.74 26.60 -9.53
C THR B 280 5.69 28.13 -9.45
N GLU B 281 6.78 28.81 -9.89
CA GLU B 281 6.90 30.27 -9.90
C GLU B 281 5.88 30.87 -10.89
N GLN B 282 5.74 30.25 -12.07
CA GLN B 282 4.80 30.69 -13.08
C GLN B 282 3.35 30.44 -12.68
N LEU B 283 3.09 29.33 -11.97
CA LEU B 283 1.75 29.00 -11.50
C LEU B 283 1.31 29.86 -10.31
N LEU B 284 2.28 30.42 -9.57
CA LEU B 284 2.03 31.35 -8.47
C LEU B 284 1.61 32.73 -8.99
N LYS B 285 1.94 33.03 -10.26
CA LYS B 285 1.61 34.30 -10.93
C LYS B 285 0.30 34.20 -11.75
N HIS B 286 -0.28 32.98 -11.86
CA HIS B 286 -1.54 32.71 -12.58
C HIS B 286 -2.68 33.50 -11.93
N PRO B 287 -3.58 34.15 -12.72
CA PRO B 287 -4.66 34.96 -12.12
C PRO B 287 -5.51 34.33 -11.02
N PHE B 288 -5.81 33.01 -11.11
CA PHE B 288 -6.60 32.27 -10.11
C PHE B 288 -5.91 32.21 -8.73
N ILE B 289 -4.56 32.14 -8.72
CA ILE B 289 -3.75 32.09 -7.50
C ILE B 289 -3.29 33.50 -7.07
N ARG B 290 -2.92 34.36 -8.04
CA ARG B 290 -2.46 35.74 -7.83
C ARG B 290 -3.59 36.67 -7.34
N ASP B 291 -4.76 36.65 -8.01
CA ASP B 291 -5.88 37.54 -7.67
C ASP B 291 -6.87 36.92 -6.69
N GLN B 292 -6.71 37.24 -5.40
CA GLN B 292 -7.57 36.72 -4.34
C GLN B 292 -8.01 37.88 -3.40
N PRO B 293 -9.10 38.62 -3.75
CA PRO B 293 -9.52 39.74 -2.89
C PRO B 293 -10.22 39.33 -1.60
N ASN B 294 -10.86 38.13 -1.58
CA ASN B 294 -11.59 37.59 -0.43
C ASN B 294 -10.71 36.75 0.52
N GLU B 295 -9.37 36.76 0.30
CA GLU B 295 -8.32 36.05 1.05
C GLU B 295 -8.52 36.09 2.58
N ARG B 296 -8.82 37.29 3.12
CA ARG B 296 -9.06 37.52 4.55
C ARG B 296 -10.31 36.80 5.04
N GLN B 297 -11.42 36.90 4.28
CA GLN B 297 -12.70 36.26 4.57
C GLN B 297 -12.61 34.73 4.54
N VAL B 298 -11.90 34.17 3.53
CA VAL B 298 -11.67 32.73 3.32
C VAL B 298 -10.96 32.11 4.54
N ARG B 299 -9.93 32.81 5.07
CA ARG B 299 -9.16 32.40 6.24
C ARG B 299 -10.09 32.29 7.47
N ILE B 300 -11.00 33.28 7.66
CA ILE B 300 -11.99 33.30 8.74
C ILE B 300 -13.00 32.15 8.52
N GLN B 301 -13.48 31.98 7.26
CA GLN B 301 -14.43 30.94 6.85
C GLN B 301 -13.90 29.54 7.17
N LEU B 302 -12.60 29.29 6.87
CA LEU B 302 -11.92 28.01 7.13
C LEU B 302 -11.79 27.79 8.63
N LYS B 303 -11.31 28.82 9.37
CA LYS B 303 -11.14 28.83 10.83
C LYS B 303 -12.45 28.47 11.54
N ASP B 304 -13.60 28.99 11.04
CA ASP B 304 -14.95 28.73 11.57
C ASP B 304 -15.35 27.27 11.39
N HIS B 305 -15.06 26.68 10.22
CA HIS B 305 -15.33 25.27 9.90
C HIS B 305 -14.51 24.36 10.82
N ILE B 306 -13.25 24.77 11.12
CA ILE B 306 -12.32 24.06 12.01
C ILE B 306 -12.89 24.08 13.45
N ASP B 307 -13.39 25.25 13.91
CA ASP B 307 -14.00 25.44 15.23
C ASP B 307 -15.18 24.48 15.49
N ARG B 308 -15.86 24.04 14.42
CA ARG B 308 -16.93 23.05 14.48
C ARG B 308 -16.24 21.67 14.31
N THR B 309 -15.71 21.12 15.43
CA THR B 309 -14.99 19.85 15.50
C THR B 309 -15.87 18.66 15.15
C7 4QG C . -3.47 -15.19 8.31
C6 4QG C . 0.55 -14.82 9.37
C9 4QG C . 1.25 -16.11 11.75
C13 4QG C . -5.69 -14.60 7.28
C20 4QG C . -5.79 -12.86 5.62
C8 4QG C . -3.77 -16.34 9.00
C16 4QG C . -6.42 -13.83 6.40
C1 4QG C . -1.74 -15.74 9.50
C2 4QG C . -0.38 -15.63 10.06
O3 4QG C . -2.22 -14.84 8.63
N4 4QG C . -2.68 -16.64 9.73
C5 4QG C . -0.02 -16.26 11.26
C10 4QG C . 1.81 -14.65 9.86
C11 4QG C . -4.30 -14.42 7.35
C12 4QG C . 2.19 -15.30 11.06
C14 4QG C . -3.67 -13.43 6.57
C15 4QG C . 3.55 -15.08 11.60
C17 4QG C . -4.42 -12.66 5.70
N18 4QG C . 3.74 -15.08 12.93
O19 4QG C . 4.47 -14.86 10.85
CL21 4QG C . -6.72 -11.88 4.53
#